data_5CWN
#
_entry.id   5CWN
#
_cell.length_a   23.270
_cell.length_b   82.910
_cell.length_c   103.300
_cell.angle_alpha   90.000
_cell.angle_beta   90.000
_cell.angle_gamma   90.000
#
_symmetry.space_group_name_H-M   'P 21 21 21'
#
loop_
_entity.id
_entity.type
_entity.pdbx_description
1 polymer 'Designed helical repeat protein'
2 non-polymer 'TETRAETHYLENE GLYCOL'
3 non-polymer '2-[N-CYCLOHEXYLAMINO]ETHANE SULFONIC ACID'
4 water water
#
_entity_poly.entity_id   1
_entity_poly.type   'polypeptide(L)'
_entity_poly.pdbx_seq_one_letter_code
;MDPEEILERAKESLERAREASERGDEEEFRKAAEKALELAKRLVEQAKKEGDPELVLEAAKVALRVAELAAKNGDKEVFK
KAAESALEVAKRLVEVASKEGDPELVLEAAKVALRVAELAAKNGDKEVFKKAAESALEVAKRLVEVASKEGDPELVEEAA
KVAEEVRKLAKKQGDEEVYEKARETAREVKEELKRVREEKGGWLEHHHHHH
;
_entity_poly.pdbx_strand_id   A
#
loop_
_chem_comp.id
_chem_comp.type
_chem_comp.name
_chem_comp.formula
NHE non-polymer '2-[N-CYCLOHEXYLAMINO]ETHANE SULFONIC ACID' 'C8 H17 N O3 S'
PG4 non-polymer 'TETRAETHYLENE GLYCOL' 'C8 H18 O5'
#
# COMPACT_ATOMS: atom_id res chain seq x y z
N MET A 1 -17.32 8.83 -16.88
CA MET A 1 -17.45 9.31 -15.47
C MET A 1 -16.17 10.03 -15.03
N ASP A 2 -16.35 11.24 -14.54
CA ASP A 2 -15.28 12.01 -13.91
C ASP A 2 -14.66 11.16 -12.80
N PRO A 3 -13.32 11.08 -12.73
CA PRO A 3 -12.81 10.23 -11.65
C PRO A 3 -13.19 10.69 -10.25
N GLU A 4 -13.34 11.99 -10.04
CA GLU A 4 -13.79 12.46 -8.74
C GLU A 4 -15.22 11.96 -8.48
N GLU A 5 -16.01 11.80 -9.54
CA GLU A 5 -17.35 11.26 -9.37
C GLU A 5 -17.30 9.78 -9.01
N ILE A 6 -16.36 9.04 -9.60
CA ILE A 6 -16.21 7.62 -9.27
C ILE A 6 -15.85 7.50 -7.83
N LEU A 7 -14.93 8.36 -7.38
CA LEU A 7 -14.44 8.29 -6.01
C LEU A 7 -15.60 8.61 -5.06
N GLU A 8 -16.42 9.60 -5.42
CA GLU A 8 -17.57 9.92 -4.58
C GLU A 8 -18.56 8.75 -4.47
N ARG A 9 -18.84 8.08 -5.58
CA ARG A 9 -19.69 6.91 -5.57
C ARG A 9 -19.08 5.76 -4.76
N ALA A 10 -17.76 5.65 -4.81
CA ALA A 10 -17.09 4.57 -4.06
C ALA A 10 -17.24 4.82 -2.58
N LYS A 11 -17.09 6.08 -2.18
CA LYS A 11 -17.26 6.47 -0.78
C LYS A 11 -18.73 6.32 -0.33
N GLU A 12 -19.67 6.62 -1.21
CA GLU A 12 -21.08 6.38 -0.89
C GLU A 12 -21.34 4.89 -0.66
N SER A 13 -20.72 4.03 -1.47
CA SER A 13 -20.91 2.59 -1.30
C SER A 13 -20.29 2.09 0.01
N LEU A 14 -19.13 2.64 0.37
CA LEU A 14 -18.52 2.32 1.64
C LEU A 14 -19.46 2.68 2.81
N GLU A 15 -20.15 3.81 2.73
CA GLU A 15 -20.97 4.24 3.85
C GLU A 15 -22.22 3.36 3.91
N ARG A 16 -22.67 2.89 2.75
N ARG A 16 -22.74 2.93 2.77
CA ARG A 16 -23.81 1.97 2.69
CA ARG A 16 -23.84 1.97 2.80
C ARG A 16 -23.44 0.59 3.24
C ARG A 16 -23.36 0.70 3.51
N ALA A 17 -22.16 0.22 3.16
CA ALA A 17 -21.67 -1.01 3.77
C ALA A 17 -21.57 -0.86 5.28
N ARG A 18 -21.09 0.31 5.71
CA ARG A 18 -21.00 0.59 7.14
C ARG A 18 -22.36 0.53 7.80
N GLU A 19 -23.33 1.17 7.15
CA GLU A 19 -24.69 1.25 7.70
C GLU A 19 -25.31 -0.16 7.76
N ALA A 20 -25.05 -0.96 6.73
CA ALA A 20 -25.59 -2.32 6.68
C ALA A 20 -24.96 -3.17 7.78
N SER A 21 -23.66 -2.98 7.98
CA SER A 21 -22.92 -3.70 9.02
C SER A 21 -23.51 -3.42 10.40
N GLU A 22 -23.82 -2.17 10.67
N GLU A 22 -23.79 -2.14 10.65
CA GLU A 22 -24.38 -1.80 11.97
CA GLU A 22 -24.41 -1.71 11.90
C GLU A 22 -25.75 -2.43 12.19
C GLU A 22 -25.71 -2.44 12.16
N ARG A 23 -26.51 -2.60 11.11
CA ARG A 23 -27.86 -3.20 11.21
C ARG A 23 -27.80 -4.72 11.30
N GLY A 24 -26.63 -5.28 11.03
CA GLY A 24 -26.48 -6.72 10.92
C GLY A 24 -27.05 -7.27 9.63
N ASP A 25 -27.11 -6.44 8.58
CA ASP A 25 -27.56 -6.86 7.27
C ASP A 25 -26.37 -7.34 6.46
N GLU A 26 -26.09 -8.64 6.54
CA GLU A 26 -24.84 -9.18 6.00
C GLU A 26 -24.82 -9.17 4.46
N GLU A 27 -25.97 -9.43 3.85
N GLU A 27 -25.97 -9.44 3.85
CA GLU A 27 -26.09 -9.43 2.41
CA GLU A 27 -26.08 -9.42 2.39
C GLU A 27 -25.84 -8.03 1.84
C GLU A 27 -25.83 -8.02 1.85
N GLU A 28 -26.45 -7.03 2.46
CA GLU A 28 -26.31 -5.64 2.04
C GLU A 28 -24.89 -5.16 2.28
N PHE A 29 -24.29 -5.58 3.39
CA PHE A 29 -22.89 -5.26 3.64
C PHE A 29 -22.00 -5.79 2.52
N ARG A 30 -22.22 -7.04 2.17
CA ARG A 30 -21.37 -7.66 1.16
C ARG A 30 -21.60 -7.01 -0.21
N LYS A 31 -22.84 -6.71 -0.58
CA LYS A 31 -23.09 -6.08 -1.88
C LYS A 31 -22.47 -4.68 -1.99
N ALA A 32 -22.57 -3.90 -0.91
CA ALA A 32 -22.03 -2.54 -0.90
C ALA A 32 -20.51 -2.56 -0.87
N ALA A 33 -19.94 -3.50 -0.13
CA ALA A 33 -18.48 -3.64 -0.09
C ALA A 33 -17.92 -4.01 -1.45
N GLU A 34 -18.57 -4.96 -2.12
CA GLU A 34 -18.20 -5.36 -3.47
C GLU A 34 -18.27 -4.19 -4.44
N LYS A 35 -19.32 -3.38 -4.32
CA LYS A 35 -19.49 -2.23 -5.19
C LYS A 35 -18.41 -1.19 -4.95
N ALA A 36 -18.02 -0.99 -3.70
CA ALA A 36 -16.94 -0.07 -3.40
C ALA A 36 -15.63 -0.54 -4.05
N LEU A 37 -15.36 -1.85 -3.99
CA LEU A 37 -14.15 -2.39 -4.58
C LEU A 37 -14.20 -2.31 -6.08
N GLU A 38 -15.37 -2.59 -6.67
CA GLU A 38 -15.53 -2.47 -8.12
C GLU A 38 -15.27 -1.05 -8.58
N LEU A 39 -15.82 -0.07 -7.86
CA LEU A 39 -15.59 1.32 -8.21
C LEU A 39 -14.14 1.75 -8.00
N ALA A 40 -13.49 1.24 -6.97
CA ALA A 40 -12.07 1.54 -6.79
C ALA A 40 -11.27 1.03 -8.00
N LYS A 41 -11.58 -0.17 -8.46
CA LYS A 41 -10.91 -0.70 -9.66
C LYS A 41 -11.19 0.14 -10.89
N ARG A 42 -12.43 0.62 -11.03
CA ARG A 42 -12.78 1.47 -12.16
C ARG A 42 -12.05 2.79 -12.08
N LEU A 43 -11.86 3.30 -10.86
CA LEU A 43 -11.14 4.55 -10.66
C LEU A 43 -9.69 4.43 -11.13
N VAL A 44 -9.07 3.27 -10.87
CA VAL A 44 -7.70 3.05 -11.35
C VAL A 44 -7.62 3.12 -12.86
N GLU A 45 -8.57 2.48 -13.54
CA GLU A 45 -8.52 2.48 -14.99
C GLU A 45 -8.81 3.86 -15.55
N GLN A 46 -9.69 4.63 -14.91
CA GLN A 46 -10.00 5.96 -15.43
C GLN A 46 -8.81 6.88 -15.17
N ALA A 47 -8.18 6.73 -14.00
CA ALA A 47 -6.98 7.51 -13.67
C ALA A 47 -5.91 7.30 -14.73
N LYS A 48 -5.84 6.08 -15.26
CA LYS A 48 -4.97 5.78 -16.41
C LYS A 48 -5.37 6.50 -17.70
N LYS A 49 -6.64 6.45 -18.04
CA LYS A 49 -7.09 7.11 -19.25
C LYS A 49 -6.76 8.61 -19.19
N GLU A 50 -6.70 9.16 -17.97
CA GLU A 50 -6.46 10.59 -17.78
C GLU A 50 -5.06 10.96 -17.30
N GLY A 51 -4.26 9.95 -16.97
CA GLY A 51 -2.88 10.20 -16.54
C GLY A 51 -2.79 10.91 -15.21
N ASP A 52 -3.53 10.42 -14.23
CA ASP A 52 -3.58 11.03 -12.89
C ASP A 52 -3.22 10.03 -11.79
N PRO A 53 -1.95 9.98 -11.37
CA PRO A 53 -1.49 9.01 -10.37
C PRO A 53 -2.12 9.17 -8.97
N GLU A 54 -2.40 10.41 -8.57
CA GLU A 54 -2.98 10.66 -7.25
C GLU A 54 -4.31 9.95 -7.04
N LEU A 55 -5.07 9.77 -8.12
CA LEU A 55 -6.36 9.10 -8.03
C LEU A 55 -6.21 7.60 -7.84
N VAL A 56 -5.10 7.03 -8.32
CA VAL A 56 -4.84 5.61 -8.07
C VAL A 56 -4.62 5.40 -6.58
N LEU A 57 -3.92 6.35 -5.95
CA LEU A 57 -3.71 6.26 -4.50
C LEU A 57 -5.06 6.37 -3.78
N GLU A 58 -5.92 7.28 -4.21
CA GLU A 58 -7.24 7.35 -3.57
C GLU A 58 -8.03 6.03 -3.72
N ALA A 59 -7.91 5.36 -4.87
CA ALA A 59 -8.55 4.05 -5.06
C ALA A 59 -8.05 3.04 -4.04
N ALA A 60 -6.74 3.05 -3.80
CA ALA A 60 -6.17 2.10 -2.85
C ALA A 60 -6.71 2.35 -1.44
N LYS A 61 -6.90 3.62 -1.11
CA LYS A 61 -7.39 3.98 0.20
C LYS A 61 -8.86 3.58 0.36
N VAL A 62 -9.64 3.55 -0.73
CA VAL A 62 -10.99 3.01 -0.64
C VAL A 62 -10.91 1.54 -0.26
N ALA A 63 -10.03 0.80 -0.93
CA ALA A 63 -9.92 -0.65 -0.66
C ALA A 63 -9.49 -0.88 0.78
N LEU A 64 -8.61 -0.03 1.28
N LEU A 64 -8.55 -0.07 1.29
CA LEU A 64 -8.10 -0.16 2.63
CA LEU A 64 -8.11 -0.20 2.68
C LEU A 64 -9.18 0.09 3.69
C LEU A 64 -9.28 -0.02 3.64
N ARG A 65 -10.10 0.98 3.36
CA ARG A 65 -11.26 1.26 4.20
C ARG A 65 -12.24 0.08 4.19
N VAL A 66 -12.44 -0.55 3.04
CA VAL A 66 -13.32 -1.73 2.97
C VAL A 66 -12.73 -2.87 3.80
N ALA A 67 -11.43 -3.04 3.68
CA ALA A 67 -10.76 -4.07 4.45
C ALA A 67 -10.91 -3.85 5.96
N GLU A 68 -10.74 -2.63 6.44
N GLU A 68 -10.78 -2.60 6.39
CA GLU A 68 -10.88 -2.38 7.86
CA GLU A 68 -10.89 -2.22 7.80
C GLU A 68 -12.31 -2.70 8.31
C GLU A 68 -12.28 -2.47 8.37
N LEU A 69 -13.30 -2.25 7.54
CA LEU A 69 -14.69 -2.52 7.89
C LEU A 69 -14.95 -4.01 7.99
N ALA A 70 -14.47 -4.74 6.99
CA ALA A 70 -14.61 -6.19 6.99
C ALA A 70 -13.93 -6.84 8.20
N ALA A 71 -12.73 -6.39 8.53
CA ALA A 71 -12.06 -6.89 9.71
C ALA A 71 -12.97 -6.71 10.92
N LYS A 72 -13.51 -5.51 11.06
CA LYS A 72 -14.28 -5.17 12.25
C LYS A 72 -15.51 -6.02 12.41
N ASN A 73 -16.17 -6.38 11.31
CA ASN A 73 -17.36 -7.22 11.44
C ASN A 73 -17.11 -8.70 11.16
N GLY A 74 -15.84 -9.09 11.09
CA GLY A 74 -15.47 -10.49 11.11
C GLY A 74 -15.68 -11.23 9.78
N ASP A 75 -15.79 -10.47 8.69
CA ASP A 75 -16.02 -11.06 7.39
C ASP A 75 -14.70 -11.36 6.70
N LYS A 76 -14.24 -12.60 6.82
CA LYS A 76 -12.89 -12.94 6.34
C LYS A 76 -12.82 -12.89 4.81
N GLU A 77 -13.87 -13.32 4.13
CA GLU A 77 -13.83 -13.31 2.67
C GLU A 77 -13.72 -11.88 2.12
N VAL A 78 -14.50 -10.95 2.66
CA VAL A 78 -14.43 -9.57 2.19
C VAL A 78 -13.09 -8.94 2.64
N PHE A 79 -12.63 -9.28 3.83
CA PHE A 79 -11.31 -8.79 4.24
C PHE A 79 -10.25 -9.19 3.23
N LYS A 80 -10.20 -10.46 2.88
CA LYS A 80 -9.12 -10.93 1.99
C LYS A 80 -9.26 -10.33 0.58
N LYS A 81 -10.50 -10.17 0.11
CA LYS A 81 -10.75 -9.53 -1.20
C LYS A 81 -10.31 -8.07 -1.23
N ALA A 82 -10.65 -7.34 -0.17
CA ALA A 82 -10.32 -5.92 -0.11
C ALA A 82 -8.81 -5.77 0.08
N ALA A 83 -8.21 -6.62 0.92
CA ALA A 83 -6.75 -6.57 1.08
C ALA A 83 -6.05 -6.80 -0.25
N GLU A 84 -6.51 -7.80 -0.99
CA GLU A 84 -5.91 -8.15 -2.26
C GLU A 84 -6.06 -6.98 -3.20
N SER A 85 -7.25 -6.37 -3.22
CA SER A 85 -7.47 -5.18 -4.02
C SER A 85 -6.52 -4.04 -3.69
N ALA A 86 -6.33 -3.78 -2.39
CA ALA A 86 -5.45 -2.69 -1.98
C ALA A 86 -4.02 -2.94 -2.47
N LEU A 87 -3.55 -4.19 -2.36
CA LEU A 87 -2.18 -4.51 -2.80
C LEU A 87 -2.07 -4.43 -4.33
N GLU A 88 -3.08 -4.93 -5.03
CA GLU A 88 -3.08 -4.84 -6.49
C GLU A 88 -3.03 -3.37 -6.93
N VAL A 89 -3.79 -2.50 -6.28
CA VAL A 89 -3.81 -1.07 -6.63
C VAL A 89 -2.48 -0.42 -6.27
N ALA A 90 -1.92 -0.78 -5.13
CA ALA A 90 -0.62 -0.26 -4.76
C ALA A 90 0.41 -0.58 -5.83
N LYS A 91 0.35 -1.79 -6.35
CA LYS A 91 1.30 -2.18 -7.40
C LYS A 91 1.07 -1.38 -8.67
N ARG A 92 -0.19 -1.09 -8.98
CA ARG A 92 -0.46 -0.24 -10.14
C ARG A 92 0.09 1.18 -9.94
N LEU A 93 -0.06 1.69 -8.70
CA LEU A 93 0.47 3.01 -8.38
C LEU A 93 1.98 3.09 -8.53
N VAL A 94 2.69 2.06 -8.08
CA VAL A 94 4.15 2.06 -8.27
C VAL A 94 4.50 2.19 -9.75
N GLU A 95 3.79 1.46 -10.59
CA GLU A 95 4.11 1.47 -12.00
C GLU A 95 3.86 2.84 -12.62
N VAL A 96 2.73 3.46 -12.33
CA VAL A 96 2.47 4.81 -12.82
C VAL A 96 3.49 5.82 -12.26
N ALA A 97 3.66 5.82 -10.95
CA ALA A 97 4.53 6.78 -10.28
C ALA A 97 5.97 6.64 -10.72
N SER A 98 6.40 5.40 -11.01
CA SER A 98 7.78 5.19 -11.45
C SER A 98 7.99 5.80 -12.82
N LYS A 99 7.01 5.66 -13.70
CA LYS A 99 7.13 6.20 -15.05
C LYS A 99 7.24 7.72 -15.03
N GLU A 100 6.55 8.35 -14.08
CA GLU A 100 6.54 9.81 -14.00
C GLU A 100 7.61 10.37 -13.07
N GLY A 101 8.51 9.49 -12.59
CA GLY A 101 9.59 9.91 -11.72
C GLY A 101 9.07 10.57 -10.45
N ASP A 102 8.04 9.98 -9.85
CA ASP A 102 7.41 10.53 -8.66
C ASP A 102 7.63 9.59 -7.48
N PRO A 103 8.80 9.66 -6.85
CA PRO A 103 9.11 8.75 -5.75
C PRO A 103 8.24 8.96 -4.49
N GLU A 104 7.67 10.15 -4.33
CA GLU A 104 6.77 10.40 -3.20
C GLU A 104 5.56 9.47 -3.26
N LEU A 105 5.02 9.26 -4.46
CA LEU A 105 3.84 8.41 -4.61
C LEU A 105 4.23 6.93 -4.57
N VAL A 106 5.46 6.59 -4.96
CA VAL A 106 5.94 5.23 -4.79
C VAL A 106 5.98 4.91 -3.30
N LEU A 107 6.46 5.86 -2.51
CA LEU A 107 6.47 5.68 -1.06
C LEU A 107 5.05 5.52 -0.50
N GLU A 108 4.11 6.28 -1.03
CA GLU A 108 2.72 6.12 -0.58
C GLU A 108 2.19 4.72 -0.87
N ALA A 109 2.59 4.14 -2.00
CA ALA A 109 2.21 2.77 -2.31
C ALA A 109 2.76 1.83 -1.25
N ALA A 110 3.98 2.09 -0.80
CA ALA A 110 4.57 1.23 0.21
C ALA A 110 3.80 1.33 1.52
N LYS A 111 3.30 2.53 1.81
CA LYS A 111 2.55 2.76 3.02
C LYS A 111 1.19 2.06 2.99
N VAL A 112 0.59 1.95 1.80
CA VAL A 112 -0.63 1.16 1.64
C VAL A 112 -0.36 -0.28 2.01
N ALA A 113 0.71 -0.85 1.43
CA ALA A 113 1.04 -2.24 1.72
C ALA A 113 1.32 -2.46 3.21
N LEU A 114 2.02 -1.52 3.83
CA LEU A 114 2.28 -1.61 5.26
C LEU A 114 1.01 -1.57 6.06
N ARG A 115 0.04 -0.74 5.67
CA ARG A 115 -1.20 -0.70 6.43
C ARG A 115 -1.98 -2.00 6.29
N VAL A 116 -1.97 -2.60 5.10
CA VAL A 116 -2.60 -3.93 4.94
C VAL A 116 -1.90 -4.93 5.85
N ALA A 117 -0.58 -4.88 5.91
CA ALA A 117 0.15 -5.80 6.78
C ALA A 117 -0.25 -5.63 8.24
N GLU A 118 -0.40 -4.37 8.67
CA GLU A 118 -0.79 -4.10 10.04
C GLU A 118 -2.20 -4.60 10.33
N LEU A 119 -3.10 -4.39 9.38
CA LEU A 119 -4.45 -4.89 9.53
C LEU A 119 -4.48 -6.39 9.64
N ALA A 120 -3.69 -7.06 8.79
CA ALA A 120 -3.66 -8.51 8.80
C ALA A 120 -3.07 -9.04 10.12
N ALA A 121 -2.02 -8.39 10.60
CA ALA A 121 -1.43 -8.76 11.88
C ALA A 121 -2.43 -8.65 13.04
N LYS A 122 -3.16 -7.55 13.07
CA LYS A 122 -4.17 -7.30 14.09
C LYS A 122 -5.22 -8.40 14.11
N ASN A 123 -5.60 -8.87 12.92
CA ASN A 123 -6.72 -9.81 12.77
C ASN A 123 -6.28 -11.25 12.58
N GLY A 124 -5.00 -11.51 12.74
CA GLY A 124 -4.49 -12.88 12.75
C GLY A 124 -4.51 -13.56 11.41
N ASP A 125 -4.53 -12.77 10.33
CA ASP A 125 -4.52 -13.32 8.99
C ASP A 125 -3.08 -13.46 8.50
N LYS A 126 -2.52 -14.64 8.66
CA LYS A 126 -1.10 -14.83 8.36
C LYS A 126 -0.83 -14.77 6.85
N GLU A 127 -1.79 -15.24 6.06
CA GLU A 127 -1.63 -15.29 4.61
C GLU A 127 -1.56 -13.89 4.04
N VAL A 128 -2.51 -13.04 4.46
CA VAL A 128 -2.51 -11.65 3.99
C VAL A 128 -1.32 -10.89 4.56
N PHE A 129 -0.95 -11.20 5.81
CA PHE A 129 0.23 -10.52 6.36
C PHE A 129 1.45 -10.74 5.47
N LYS A 130 1.72 -12.00 5.12
CA LYS A 130 2.87 -12.32 4.27
C LYS A 130 2.80 -11.62 2.92
N LYS A 131 1.63 -11.65 2.29
CA LYS A 131 1.46 -10.97 1.01
C LYS A 131 1.75 -9.47 1.08
N ALA A 132 1.21 -8.82 2.08
CA ALA A 132 1.35 -7.38 2.20
C ALA A 132 2.78 -7.02 2.60
N ALA A 133 3.38 -7.81 3.47
CA ALA A 133 4.76 -7.55 3.87
C ALA A 133 5.71 -7.72 2.68
N GLU A 134 5.50 -8.76 1.89
CA GLU A 134 6.32 -8.95 0.70
C GLU A 134 6.14 -7.82 -0.30
N SER A 135 4.90 -7.35 -0.46
CA SER A 135 4.60 -6.24 -1.33
C SER A 135 5.31 -4.98 -0.85
N ALA A 136 5.27 -4.72 0.45
CA ALA A 136 5.94 -3.54 0.99
C ALA A 136 7.44 -3.55 0.72
N LEU A 137 8.06 -4.71 0.89
CA LEU A 137 9.49 -4.86 0.65
C LEU A 137 9.81 -4.63 -0.81
N GLU A 138 8.98 -5.17 -1.69
CA GLU A 138 9.16 -4.98 -3.12
C GLU A 138 9.04 -3.51 -3.51
N VAL A 139 8.07 -2.80 -2.95
CA VAL A 139 7.92 -1.39 -3.24
C VAL A 139 9.09 -0.59 -2.67
N ALA A 140 9.60 -0.95 -1.48
CA ALA A 140 10.79 -0.29 -0.94
C ALA A 140 11.96 -0.41 -1.92
N LYS A 141 12.09 -1.56 -2.55
CA LYS A 141 13.20 -1.76 -3.49
C LYS A 141 13.03 -0.88 -4.73
N ARG A 142 11.79 -0.71 -5.19
N ARG A 142 11.79 -0.72 -5.18
CA ARG A 142 11.55 0.13 -6.34
CA ARG A 142 11.52 0.13 -6.33
C ARG A 142 11.76 1.60 -5.97
C ARG A 142 11.73 1.60 -5.98
N LEU A 143 11.39 1.96 -4.75
CA LEU A 143 11.59 3.32 -4.27
C LEU A 143 13.07 3.67 -4.26
N VAL A 144 13.92 2.70 -3.90
CA VAL A 144 15.37 2.96 -3.91
C VAL A 144 15.83 3.29 -5.33
N GLU A 145 15.36 2.52 -6.30
CA GLU A 145 15.73 2.74 -7.69
C GLU A 145 15.30 4.13 -8.17
N VAL A 146 14.03 4.44 -7.96
CA VAL A 146 13.48 5.72 -8.37
C VAL A 146 14.20 6.87 -7.67
N ALA A 147 14.35 6.76 -6.35
CA ALA A 147 14.94 7.83 -5.54
C ALA A 147 16.41 8.05 -5.86
N SER A 148 17.14 6.98 -6.18
N SER A 148 17.13 6.97 -6.16
CA SER A 148 18.56 7.08 -6.46
CA SER A 148 18.55 7.07 -6.47
C SER A 148 18.81 7.67 -7.85
C SER A 148 18.75 7.76 -7.81
N LYS A 149 17.80 7.58 -8.72
CA LYS A 149 17.90 8.19 -10.03
C LYS A 149 17.73 9.70 -9.94
N GLU A 150 16.96 10.14 -8.95
CA GLU A 150 16.74 11.57 -8.73
C GLU A 150 17.77 12.16 -7.74
N GLY A 151 18.73 11.34 -7.32
CA GLY A 151 19.73 11.77 -6.34
C GLY A 151 19.12 12.26 -5.03
N ASP A 152 18.25 11.45 -4.45
CA ASP A 152 17.47 11.84 -3.28
C ASP A 152 17.68 10.86 -2.13
N PRO A 153 18.75 11.08 -1.35
CA PRO A 153 19.02 10.13 -0.25
C PRO A 153 17.91 10.11 0.80
N GLU A 154 17.09 11.16 0.89
CA GLU A 154 16.03 11.21 1.89
C GLU A 154 14.96 10.16 1.62
N LEU A 155 14.60 10.00 0.35
CA LEU A 155 13.57 9.02 0.02
C LEU A 155 14.19 7.63 0.02
N VAL A 156 15.50 7.52 -0.19
CA VAL A 156 16.14 6.22 0.00
C VAL A 156 16.05 5.85 1.47
N GLU A 157 16.26 6.82 2.36
CA GLU A 157 16.14 6.56 3.79
C GLU A 157 14.70 6.14 4.14
N GLU A 158 13.73 6.72 3.46
CA GLU A 158 12.34 6.33 3.73
C GLU A 158 12.13 4.87 3.36
N ALA A 159 12.79 4.42 2.29
CA ALA A 159 12.67 3.02 1.87
C ALA A 159 13.26 2.11 2.94
N ALA A 160 14.36 2.54 3.55
CA ALA A 160 14.94 1.79 4.66
C ALA A 160 13.94 1.68 5.80
N LYS A 161 13.23 2.78 6.09
CA LYS A 161 12.26 2.79 7.19
C LYS A 161 11.10 1.83 6.91
N VAL A 162 10.69 1.72 5.64
CA VAL A 162 9.66 0.74 5.27
C VAL A 162 10.11 -0.68 5.60
N ALA A 163 11.30 -1.05 5.14
CA ALA A 163 11.84 -2.37 5.44
C ALA A 163 11.96 -2.61 6.95
N GLU A 164 12.39 -1.60 7.70
CA GLU A 164 12.57 -1.79 9.15
C GLU A 164 11.23 -1.99 9.81
N GLU A 165 10.20 -1.33 9.31
N GLU A 165 10.18 -1.35 9.30
CA GLU A 165 8.87 -1.51 9.86
CA GLU A 165 8.85 -1.51 9.89
C GLU A 165 8.43 -2.95 9.63
C GLU A 165 8.27 -2.89 9.57
N VAL A 166 8.60 -3.42 8.39
CA VAL A 166 8.23 -4.80 8.07
C VAL A 166 9.00 -5.75 8.98
N ARG A 167 10.27 -5.47 9.22
CA ARG A 167 11.09 -6.34 10.08
C ARG A 167 10.49 -6.43 11.48
N LYS A 168 10.14 -5.28 12.05
CA LYS A 168 9.62 -5.24 13.41
C LYS A 168 8.28 -5.94 13.50
N LEU A 169 7.40 -5.68 12.54
N LEU A 169 7.42 -5.72 12.51
CA LEU A 169 6.09 -6.32 12.47
CA LEU A 169 6.09 -6.31 12.50
C LEU A 169 6.25 -7.83 12.40
C LEU A 169 6.13 -7.82 12.28
N ALA A 170 7.09 -8.30 11.49
CA ALA A 170 7.28 -9.74 11.30
C ALA A 170 7.80 -10.41 12.57
N LYS A 171 8.70 -9.75 13.30
CA LYS A 171 9.21 -10.32 14.54
C LYS A 171 8.07 -10.49 15.55
N LYS A 172 7.19 -9.50 15.61
CA LYS A 172 6.04 -9.56 16.53
C LYS A 172 5.06 -10.65 16.09
N GLN A 173 4.92 -10.84 14.78
CA GLN A 173 4.01 -11.85 14.25
C GLN A 173 4.61 -13.24 14.29
N GLY A 174 5.90 -13.33 14.55
CA GLY A 174 6.59 -14.61 14.65
C GLY A 174 6.85 -15.21 13.28
N ASP A 175 6.80 -14.39 12.24
CA ASP A 175 7.00 -14.85 10.87
C ASP A 175 8.47 -14.77 10.47
N GLU A 176 9.16 -15.89 10.62
CA GLU A 176 10.60 -15.91 10.46
C GLU A 176 10.99 -15.65 9.02
N GLU A 177 10.21 -16.17 8.08
CA GLU A 177 10.53 -16.01 6.68
C GLU A 177 10.50 -14.54 6.26
N VAL A 178 9.44 -13.86 6.67
CA VAL A 178 9.27 -12.44 6.33
C VAL A 178 10.31 -11.62 7.08
N TYR A 179 10.61 -12.00 8.32
CA TYR A 179 11.65 -11.33 9.08
C TYR A 179 12.97 -11.38 8.30
N GLU A 180 13.37 -12.55 7.81
CA GLU A 180 14.68 -12.62 7.15
C GLU A 180 14.69 -11.90 5.81
N LYS A 181 13.57 -11.94 5.07
CA LYS A 181 13.47 -11.16 3.85
C LYS A 181 13.56 -9.66 4.15
N ALA A 182 12.88 -9.20 5.20
CA ALA A 182 12.91 -7.79 5.55
C ALA A 182 14.31 -7.34 6.00
N ARG A 183 15.01 -8.18 6.76
CA ARG A 183 16.33 -7.79 7.22
C ARG A 183 17.29 -7.71 6.03
N GLU A 184 17.15 -8.61 5.05
CA GLU A 184 18.04 -8.62 3.91
C GLU A 184 17.74 -7.39 3.03
N THR A 185 16.45 -7.10 2.84
CA THR A 185 16.04 -5.91 2.11
C THR A 185 16.60 -4.66 2.79
N ALA A 186 16.48 -4.58 4.11
CA ALA A 186 16.96 -3.40 4.82
C ALA A 186 18.48 -3.24 4.67
N ARG A 187 19.21 -4.36 4.65
CA ARG A 187 20.65 -4.34 4.52
C ARG A 187 21.01 -3.75 3.15
N GLU A 188 20.37 -4.27 2.11
CA GLU A 188 20.61 -3.79 0.75
C GLU A 188 20.26 -2.31 0.61
N VAL A 189 19.13 -1.89 1.19
CA VAL A 189 18.74 -0.48 1.08
C VAL A 189 19.74 0.41 1.81
N LYS A 190 20.22 -0.04 2.97
CA LYS A 190 21.14 0.80 3.74
C LYS A 190 22.49 0.90 3.01
N GLU A 191 22.87 -0.15 2.28
CA GLU A 191 24.13 -0.07 1.53
C GLU A 191 23.95 0.93 0.39
N GLU A 192 22.79 0.92 -0.26
CA GLU A 192 22.55 1.84 -1.35
C GLU A 192 22.38 3.26 -0.82
N LEU A 193 21.86 3.41 0.39
CA LEU A 193 21.77 4.75 1.00
C LEU A 193 23.15 5.35 1.25
N LYS A 194 24.07 4.54 1.77
CA LYS A 194 25.44 4.99 1.99
C LYS A 194 26.05 5.44 0.67
N ARG A 195 25.84 4.65 -0.38
N ARG A 195 25.82 4.66 -0.38
CA ARG A 195 26.39 4.98 -1.69
CA ARG A 195 26.39 4.96 -1.68
C ARG A 195 25.83 6.31 -2.19
C ARG A 195 25.81 6.24 -2.28
N VAL A 196 24.52 6.49 -2.04
CA VAL A 196 23.87 7.69 -2.57
C VAL A 196 24.27 8.92 -1.76
N ARG A 197 24.34 8.80 -0.44
CA ARG A 197 24.85 9.90 0.39
C ARG A 197 26.27 10.27 -0.02
N GLU A 198 27.10 9.27 -0.27
CA GLU A 198 28.52 9.53 -0.53
C GLU A 198 28.72 10.15 -1.90
N GLU A 199 27.86 9.75 -2.84
CA GLU A 199 27.83 10.33 -4.18
C GLU A 199 27.46 11.80 -4.12
N LYS A 200 26.45 12.13 -3.33
CA LYS A 200 26.01 13.52 -3.23
C LYS A 200 27.02 14.35 -2.44
N GLY A 201 27.37 13.86 -1.25
CA GLY A 201 28.32 14.54 -0.39
C GLY A 201 29.67 14.70 -1.06
N GLY A 202 29.93 13.85 -2.05
CA GLY A 202 31.18 13.91 -2.79
C GLY A 202 31.12 15.05 -3.78
N TRP A 203 30.03 15.13 -4.53
CA TRP A 203 29.90 16.19 -5.53
C TRP A 203 29.62 17.53 -4.88
N LEU A 204 29.16 17.51 -3.63
CA LEU A 204 29.05 18.73 -2.85
C LEU A 204 30.44 19.23 -2.42
N GLU A 205 31.24 18.35 -1.83
CA GLU A 205 32.61 18.68 -1.43
C GLU A 205 33.41 19.20 -2.63
N HIS A 206 33.18 18.57 -3.78
CA HIS A 206 33.83 18.95 -5.02
C HIS A 206 33.50 20.40 -5.37
N HIS A 207 32.23 20.74 -5.30
CA HIS A 207 31.78 22.11 -5.53
C HIS A 207 31.81 22.91 -4.23
O1 PG4 B . -8.26 -3.71 -17.29
C1 PG4 B . -7.23 -3.68 -18.29
C2 PG4 B . -5.91 -3.22 -17.69
O2 PG4 B . -5.41 -4.19 -16.77
C3 PG4 B . -4.08 -3.87 -16.32
C4 PG4 B . -3.62 -4.87 -15.27
O3 PG4 B . -4.52 -4.83 -14.16
C5 PG4 B . -4.06 -5.69 -13.11
C6 PG4 B . -5.09 -5.75 -12.00
O4 PG4 B . -5.32 -4.44 -11.48
C7 PG4 B . -6.08 -4.56 -10.27
C8 PG4 B . -6.99 -3.35 -10.06
O5 PG4 B . -6.21 -2.15 -10.20
HO1 PG4 B . -9.09 -4.01 -17.68
H11 PG4 B . -7.53 -3.01 -19.10
H12 PG4 B . -7.11 -4.68 -18.71
H21 PG4 B . -6.06 -2.27 -17.17
H22 PG4 B . -5.18 -3.06 -18.48
H31 PG4 B . -4.07 -2.86 -15.90
H32 PG4 B . -3.40 -3.89 -17.18
H41 PG4 B . -2.61 -4.63 -14.95
H42 PG4 B . -3.61 -5.88 -15.69
H51 PG4 B . -3.11 -5.32 -12.72
H52 PG4 B . -3.88 -6.70 -13.51
H61 PG4 B . -4.73 -6.41 -11.20
H62 PG4 B . -6.02 -6.16 -12.39
H71 PG4 B . -5.40 -4.65 -9.43
H72 PG4 B . -6.70 -5.46 -10.31
H81 PG4 B . -7.42 -3.39 -9.06
H82 PG4 B . -7.79 -3.35 -10.79
HO5 PG4 B . -6.78 -1.38 -10.05
O1 PG4 C . -14.97 -6.87 -11.80
C1 PG4 C . -14.01 -6.38 -10.85
C2 PG4 C . -14.66 -6.24 -9.48
O2 PG4 C . -13.77 -6.70 -8.47
C3 PG4 C . -14.26 -6.45 -7.16
C4 PG4 C . -13.77 -7.54 -6.21
O3 PG4 C . -12.34 -7.62 -6.21
C5 PG4 C . -11.92 -8.75 -5.45
C6 PG4 C . -10.40 -8.89 -5.43
O4 PG4 C . -9.87 -8.61 -6.72
C7 PG4 C . -8.44 -8.76 -6.76
C8 PG4 C . -7.87 -7.76 -7.73
O5 PG4 C . -8.21 -8.11 -9.07
HO1 PG4 C . -14.56 -6.96 -12.67
H11 PG4 C . -13.63 -5.40 -11.18
H12 PG4 C . -13.17 -7.07 -10.79
H21 PG4 C . -15.59 -6.81 -9.45
H22 PG4 C . -14.91 -5.18 -9.30
H31 PG4 C . -15.35 -6.43 -7.15
H32 PG4 C . -13.90 -5.48 -6.81
H41 PG4 C . -14.18 -8.50 -6.51
H42 PG4 C . -14.12 -7.33 -5.20
H51 PG4 C . -12.35 -9.66 -5.87
H52 PG4 C . -12.28 -8.66 -4.43
H61 PG4 C . -10.12 -9.89 -5.13
H62 PG4 C . -9.98 -8.19 -4.70
H71 PG4 C . -8.18 -9.78 -7.08
H72 PG4 C . -8.03 -8.60 -5.77
H81 PG4 C . -6.79 -7.72 -7.63
H82 PG4 C . -8.26 -6.77 -7.51
HO5 PG4 C . -7.83 -7.45 -9.68
O1 PG4 D . 1.43 -8.90 -9.16
C1 PG4 D . 0.05 -8.68 -9.47
C2 PG4 D . -0.78 -9.45 -8.45
O2 PG4 D . -0.60 -8.91 -7.14
C3 PG4 D . -1.46 -9.56 -6.21
C4 PG4 D . -1.29 -8.96 -4.82
O3 PG4 D . 0.03 -9.28 -4.37
C5 PG4 D . 0.01 -10.07 -3.20
C6 PG4 D . 1.43 -10.48 -2.83
O4 PG4 D . 2.40 -9.91 -3.71
C7 PG4 D . 3.71 -10.03 -3.15
C8 PG4 D . 4.77 -10.03 -4.23
O5 PG4 D . 5.10 -8.70 -4.64
HO1 PG4 D . 1.99 -8.42 -9.80
H11 PG4 D . -0.16 -9.04 -10.48
H12 PG4 D . -0.18 -7.62 -9.42
H21 PG4 D . -0.48 -10.50 -8.46
H22 PG4 D . -1.83 -9.39 -8.73
H31 PG4 D . -1.22 -10.63 -6.18
H32 PG4 D . -2.49 -9.46 -6.53
H41 PG4 D . -2.04 -9.39 -4.14
H42 PG4 D . -1.42 -7.89 -4.85
H51 PG4 D . -0.60 -10.95 -3.36
H52 PG4 D . -0.43 -9.50 -2.37
H61 PG4 D . 1.51 -11.56 -2.86
H62 PG4 D . 1.65 -10.17 -1.81
H71 PG4 D . 3.77 -10.95 -2.57
H72 PG4 D . 3.89 -9.20 -2.46
H81 PG4 D . 4.41 -10.59 -5.10
H82 PG4 D . 5.67 -10.53 -3.87
HO5 PG4 D . 5.77 -8.72 -5.33
C3' NHE E . -17.73 3.11 12.75
C2' NHE E . -16.38 3.69 12.32
C1' NHE E . -15.26 2.65 12.27
C6' NHE E . -15.75 1.40 11.55
N NHE E . -14.05 3.23 11.70
C1 NHE E . -13.29 2.69 10.60
C2 NHE E . -14.07 2.90 9.31
S NHE E . -13.26 3.09 7.87
O1 NHE E . -11.84 3.14 8.08
O2 NHE E . -13.71 4.30 7.26
O3 NHE E . -13.65 1.87 6.88
C5' NHE E . -16.87 0.78 12.33
C4' NHE E . -18.07 1.72 12.22
H3'1 NHE E . -18.51 3.80 12.44
H3'2 NHE E . -17.75 3.07 13.84
H2'1 NHE E . -16.09 4.48 13.00
H2'2 NHE E . -16.49 4.14 11.33
HC'1 NHE E . -15.05 2.36 13.30
H6'1 NHE E . -14.92 0.69 11.45
H6'2 NHE E . -16.09 1.67 10.54
HN NHE E . -13.71 4.09 12.13
HC11 NHE E . -13.12 1.62 10.75
HC12 NHE E . -12.32 3.18 10.53
HC21 NHE E . -14.70 3.78 9.45
HC22 NHE E . -14.75 2.05 9.19
HO3 NHE E . -13.26 1.81 6.00
H5'1 NHE E . -16.59 0.67 13.38
H5'2 NHE E . -17.13 -0.20 11.92
H4'1 NHE E . -18.37 1.80 11.16
H4'2 NHE E . -18.91 1.32 12.78
#